data_1UMQ
#
_entry.id   1UMQ
#
_cell.length_a   1.000
_cell.length_b   1.000
_cell.length_c   1.000
_cell.angle_alpha   90.00
_cell.angle_beta   90.00
_cell.angle_gamma   90.00
#
_symmetry.space_group_name_H-M   'P 1'
#
_entity_poly.entity_id   1
_entity_poly.type   'polypeptide(L)'
_entity_poly.pdbx_seq_one_letter_code
;MGSSHHHHHHSSGLVPRGSHMLAKGESLPPPPENPMSADRVRWEHIQRIYEMCDRNVSETARRLNMHRRTLQRILAKRSP
R
;
_entity_poly.pdbx_strand_id   A
#
# COMPACT_ATOMS: atom_id res chain seq x y z
N LEU A 22 19.28 26.27 -1.31
CA LEU A 22 20.64 25.91 -0.86
C LEU A 22 20.81 24.39 -0.78
N ALA A 23 21.98 23.92 -1.21
CA ALA A 23 22.32 22.51 -1.23
C ALA A 23 21.39 21.71 -2.15
N LYS A 24 21.66 20.42 -2.27
CA LYS A 24 20.83 19.52 -3.06
C LYS A 24 20.61 18.23 -2.28
N GLY A 25 20.19 17.19 -2.96
CA GLY A 25 19.99 15.91 -2.33
C GLY A 25 18.76 15.90 -1.46
N GLU A 26 18.97 15.90 -0.15
CA GLU A 26 17.85 15.82 0.79
C GLU A 26 17.46 17.21 1.27
N SER A 27 18.24 18.21 0.89
CA SER A 27 17.95 19.59 1.27
C SER A 27 16.89 20.19 0.35
N LEU A 28 16.65 19.54 -0.77
CA LEU A 28 15.64 19.99 -1.72
C LEU A 28 14.75 18.82 -2.13
N PRO A 29 13.60 18.67 -1.45
CA PRO A 29 12.60 17.63 -1.69
C PRO A 29 12.50 17.17 -3.16
N PRO A 30 12.75 15.88 -3.40
CA PRO A 30 12.57 15.27 -4.71
C PRO A 30 11.13 14.81 -4.92
N PRO A 31 10.55 15.15 -6.08
CA PRO A 31 9.20 14.71 -6.45
C PRO A 31 9.15 13.20 -6.69
N PRO A 32 7.94 12.63 -6.90
CA PRO A 32 7.77 11.21 -7.23
C PRO A 32 8.25 10.89 -8.65
N GLU A 33 9.50 11.24 -8.92
CA GLU A 33 10.10 11.05 -10.23
C GLU A 33 10.19 9.58 -10.60
N ASN A 34 10.42 8.74 -9.60
CA ASN A 34 10.60 7.31 -9.83
C ASN A 34 9.25 6.59 -9.82
N PRO A 35 9.03 5.70 -10.81
CA PRO A 35 7.85 4.84 -10.87
C PRO A 35 7.58 4.14 -9.54
N MET A 36 8.62 3.54 -8.98
CA MET A 36 8.50 2.85 -7.71
C MET A 36 8.70 3.82 -6.55
N SER A 37 7.69 4.64 -6.31
CA SER A 37 7.71 5.56 -5.18
C SER A 37 7.50 4.79 -3.88
N ALA A 38 7.85 5.41 -2.76
CA ALA A 38 7.86 4.73 -1.48
C ALA A 38 6.46 4.31 -1.09
N ASP A 39 5.50 5.20 -1.32
CA ASP A 39 4.13 4.89 -0.99
C ASP A 39 3.46 4.16 -2.14
N ARG A 40 3.96 4.41 -3.36
CA ARG A 40 3.43 3.78 -4.54
C ARG A 40 3.57 2.27 -4.43
N VAL A 41 4.74 1.82 -3.97
CA VAL A 41 4.99 0.41 -3.76
C VAL A 41 4.02 -0.17 -2.74
N ARG A 42 3.66 0.63 -1.73
CA ARG A 42 2.74 0.18 -0.70
C ARG A 42 1.36 -0.05 -1.27
N TRP A 43 0.85 0.93 -2.01
CA TRP A 43 -0.50 0.85 -2.59
C TRP A 43 -0.58 -0.37 -3.51
N GLU A 44 0.49 -0.63 -4.24
CA GLU A 44 0.55 -1.79 -5.12
C GLU A 44 0.43 -3.09 -4.32
N HIS A 45 0.93 -3.08 -3.08
CA HIS A 45 0.95 -4.30 -2.30
C HIS A 45 -0.42 -4.48 -1.68
N ILE A 46 -1.07 -3.35 -1.39
CA ILE A 46 -2.41 -3.34 -0.85
C ILE A 46 -3.38 -4.00 -1.81
N GLN A 47 -3.15 -3.79 -3.09
CA GLN A 47 -4.07 -4.27 -4.11
C GLN A 47 -3.91 -5.77 -4.30
N ARG A 48 -2.67 -6.23 -4.45
CA ARG A 48 -2.40 -7.64 -4.68
C ARG A 48 -2.89 -8.51 -3.52
N ILE A 49 -2.92 -7.96 -2.31
CA ILE A 49 -3.44 -8.71 -1.18
C ILE A 49 -4.96 -8.55 -1.08
N TYR A 50 -5.45 -7.33 -1.30
CA TYR A 50 -6.88 -7.05 -1.21
C TYR A 50 -7.67 -7.94 -2.17
N GLU A 51 -7.03 -8.28 -3.29
CA GLU A 51 -7.63 -9.17 -4.27
C GLU A 51 -7.64 -10.62 -3.76
N MET A 52 -6.51 -11.09 -3.24
CA MET A 52 -6.35 -12.50 -2.89
C MET A 52 -7.10 -12.85 -1.60
N CYS A 53 -7.22 -11.91 -0.68
CA CYS A 53 -7.93 -12.17 0.57
C CYS A 53 -9.41 -11.85 0.43
N ASP A 54 -9.79 -11.42 -0.77
CA ASP A 54 -11.17 -11.02 -1.07
C ASP A 54 -11.65 -9.93 -0.12
N ARG A 55 -10.97 -8.79 -0.17
CA ARG A 55 -11.36 -7.59 0.54
C ARG A 55 -11.18 -7.70 2.06
N ASN A 56 -10.34 -8.63 2.50
CA ASN A 56 -10.03 -8.73 3.92
C ASN A 56 -9.01 -7.64 4.29
N VAL A 57 -9.50 -6.57 4.88
CA VAL A 57 -8.67 -5.42 5.22
C VAL A 57 -7.63 -5.79 6.28
N SER A 58 -7.97 -6.76 7.13
CA SER A 58 -7.06 -7.18 8.20
C SER A 58 -5.84 -7.88 7.63
N GLU A 59 -6.06 -8.83 6.71
CA GLU A 59 -4.95 -9.53 6.05
C GLU A 59 -4.12 -8.54 5.27
N THR A 60 -4.79 -7.63 4.58
CA THR A 60 -4.13 -6.65 3.75
C THR A 60 -3.18 -5.78 4.59
N ALA A 61 -3.70 -5.18 5.65
CA ALA A 61 -2.90 -4.31 6.50
C ALA A 61 -1.74 -5.07 7.15
N ARG A 62 -1.96 -6.33 7.47
CA ARG A 62 -0.93 -7.14 8.13
C ARG A 62 0.13 -7.53 7.11
N ARG A 63 -0.30 -7.70 5.87
CA ARG A 63 0.57 -8.08 4.78
C ARG A 63 1.28 -6.86 4.22
N LEU A 64 0.74 -5.69 4.54
CA LEU A 64 1.34 -4.41 4.19
C LEU A 64 2.21 -3.90 5.33
N ASN A 65 2.09 -4.56 6.48
CA ASN A 65 2.76 -4.15 7.72
C ASN A 65 2.26 -2.78 8.15
N MET A 66 1.01 -2.73 8.59
CA MET A 66 0.37 -1.50 9.00
C MET A 66 -0.83 -1.79 9.88
N HIS A 67 -1.42 -0.73 10.39
CA HIS A 67 -2.59 -0.83 11.23
C HIS A 67 -3.84 -0.95 10.35
N ARG A 68 -4.89 -1.58 10.86
CA ARG A 68 -6.11 -1.77 10.09
C ARG A 68 -6.65 -0.43 9.61
N ARG A 69 -6.54 0.59 10.46
CA ARG A 69 -6.96 1.95 10.12
C ARG A 69 -6.18 2.48 8.92
N THR A 70 -4.89 2.15 8.86
CA THR A 70 -4.02 2.59 7.77
C THR A 70 -4.55 2.08 6.44
N LEU A 71 -4.79 0.78 6.37
CA LEU A 71 -5.32 0.15 5.17
C LEU A 71 -6.68 0.76 4.83
N GLN A 72 -7.51 0.92 5.86
CA GLN A 72 -8.85 1.47 5.70
C GLN A 72 -8.81 2.87 5.12
N ARG A 73 -7.99 3.73 5.71
CA ARG A 73 -7.91 5.11 5.26
C ARG A 73 -7.43 5.18 3.82
N ILE A 74 -6.49 4.31 3.49
CA ILE A 74 -5.96 4.24 2.13
C ILE A 74 -7.07 3.85 1.14
N LEU A 75 -7.91 2.91 1.54
CA LEU A 75 -9.06 2.52 0.73
C LEU A 75 -10.11 3.63 0.72
N ALA A 76 -10.28 4.24 1.88
CA ALA A 76 -11.37 5.18 2.12
C ALA A 76 -11.13 6.54 1.46
N LYS A 77 -9.87 6.86 1.16
CA LYS A 77 -9.57 8.09 0.44
C LYS A 77 -9.76 7.94 -1.07
N ARG A 78 -9.90 6.70 -1.54
CA ARG A 78 -10.07 6.46 -2.98
C ARG A 78 -11.45 5.90 -3.28
N SER A 79 -12.28 5.81 -2.24
CA SER A 79 -13.65 5.32 -2.38
C SER A 79 -14.56 6.00 -1.35
N PRO A 80 -15.86 6.09 -1.63
CA PRO A 80 -16.83 6.71 -0.69
C PRO A 80 -17.21 5.75 0.45
N ARG A 81 -16.28 4.89 0.80
CA ARG A 81 -16.50 3.87 1.81
C ARG A 81 -15.67 4.17 3.05
N LEU A 22 19.54 2.71 -16.37
CA LEU A 22 18.66 3.88 -16.58
C LEU A 22 19.46 5.05 -17.12
N ALA A 23 18.80 6.18 -17.32
CA ALA A 23 19.46 7.38 -17.84
C ALA A 23 20.52 7.88 -16.88
N LYS A 24 21.63 8.36 -17.43
CA LYS A 24 22.74 8.86 -16.63
C LYS A 24 22.53 10.32 -16.29
N GLY A 25 22.74 10.66 -15.02
CA GLY A 25 22.58 12.04 -14.59
C GLY A 25 21.14 12.39 -14.33
N GLU A 26 20.25 11.46 -14.60
CA GLU A 26 18.82 11.67 -14.41
C GLU A 26 18.35 11.00 -13.13
N SER A 27 19.27 10.86 -12.18
CA SER A 27 19.00 10.33 -10.85
C SER A 27 18.77 8.83 -10.87
N LEU A 28 19.66 8.10 -10.19
CA LEU A 28 19.50 6.67 -10.02
C LEU A 28 18.47 6.41 -8.92
N PRO A 29 17.87 5.19 -8.89
CA PRO A 29 16.88 4.78 -7.90
C PRO A 29 17.05 5.45 -6.54
N PRO A 30 16.17 6.41 -6.21
CA PRO A 30 16.28 7.22 -4.99
C PRO A 30 15.93 6.44 -3.73
N PRO A 31 16.90 6.31 -2.82
CA PRO A 31 16.67 5.74 -1.48
C PRO A 31 15.58 6.48 -0.68
N PRO A 32 15.53 7.86 -0.71
CA PRO A 32 14.40 8.60 -0.12
C PRO A 32 13.07 8.11 -0.67
N GLU A 33 12.24 7.59 0.24
CA GLU A 33 11.02 6.88 -0.14
C GLU A 33 11.39 5.64 -0.96
N ASN A 34 10.95 5.59 -2.20
CA ASN A 34 11.27 4.49 -3.10
C ASN A 34 11.22 4.99 -4.53
N PRO A 35 12.01 4.40 -5.43
CA PRO A 35 11.92 4.66 -6.87
C PRO A 35 10.49 4.53 -7.38
N MET A 36 9.73 3.64 -6.74
CA MET A 36 8.35 3.40 -7.10
C MET A 36 7.41 4.18 -6.16
N SER A 37 7.96 5.19 -5.48
CA SER A 37 7.24 5.96 -4.46
C SER A 37 7.00 5.12 -3.21
N ALA A 38 7.09 5.75 -2.04
CA ALA A 38 6.85 5.04 -0.80
C ALA A 38 5.37 4.76 -0.65
N ASP A 39 4.56 5.67 -1.18
CA ASP A 39 3.13 5.52 -1.15
C ASP A 39 2.68 4.52 -2.22
N ARG A 40 3.21 4.71 -3.42
CA ARG A 40 2.84 3.87 -4.54
C ARG A 40 3.30 2.43 -4.36
N VAL A 41 4.51 2.23 -3.84
CA VAL A 41 5.00 0.88 -3.57
C VAL A 41 4.14 0.21 -2.50
N ARG A 42 3.60 1.04 -1.63
CA ARG A 42 2.76 0.59 -0.54
C ARG A 42 1.37 0.23 -1.06
N TRP A 43 0.81 1.14 -1.86
CA TRP A 43 -0.49 0.93 -2.47
C TRP A 43 -0.50 -0.32 -3.33
N GLU A 44 0.56 -0.53 -4.08
CA GLU A 44 0.70 -1.68 -4.94
C GLU A 44 0.64 -2.98 -4.12
N HIS A 45 1.00 -2.89 -2.84
CA HIS A 45 1.01 -4.05 -1.97
C HIS A 45 -0.40 -4.29 -1.49
N ILE A 46 -1.06 -3.18 -1.19
CA ILE A 46 -2.44 -3.19 -0.74
C ILE A 46 -3.34 -3.75 -1.83
N GLN A 47 -2.89 -3.58 -3.07
CA GLN A 47 -3.67 -3.94 -4.23
C GLN A 47 -3.70 -5.45 -4.36
N ARG A 48 -2.52 -6.04 -4.26
CA ARG A 48 -2.35 -7.46 -4.52
C ARG A 48 -2.96 -8.31 -3.41
N ILE A 49 -2.94 -7.81 -2.18
CA ILE A 49 -3.43 -8.58 -1.04
C ILE A 49 -4.95 -8.47 -0.91
N TYR A 50 -5.50 -7.34 -1.31
CA TYR A 50 -6.93 -7.13 -1.25
C TYR A 50 -7.64 -8.25 -2.01
N GLU A 51 -7.06 -8.62 -3.14
CA GLU A 51 -7.59 -9.69 -3.97
C GLU A 51 -7.33 -11.08 -3.38
N MET A 52 -6.23 -11.22 -2.64
CA MET A 52 -5.83 -12.52 -2.07
C MET A 52 -6.90 -13.09 -1.17
N CYS A 53 -7.29 -12.32 -0.17
CA CYS A 53 -8.19 -12.81 0.86
C CYS A 53 -9.63 -12.37 0.58
N ASP A 54 -9.81 -11.69 -0.56
CA ASP A 54 -11.11 -11.18 -0.97
C ASP A 54 -11.61 -10.07 -0.06
N ARG A 55 -11.09 -8.87 -0.29
CA ARG A 55 -11.63 -7.65 0.30
C ARG A 55 -11.51 -7.60 1.83
N ASN A 56 -10.72 -8.49 2.40
CA ASN A 56 -10.49 -8.48 3.85
C ASN A 56 -9.41 -7.48 4.22
N VAL A 57 -9.82 -6.42 4.91
CA VAL A 57 -8.91 -5.34 5.30
C VAL A 57 -7.85 -5.86 6.29
N SER A 58 -8.27 -6.79 7.14
CA SER A 58 -7.39 -7.34 8.16
C SER A 58 -6.18 -8.03 7.53
N GLU A 59 -6.43 -8.90 6.55
CA GLU A 59 -5.35 -9.64 5.90
C GLU A 59 -4.51 -8.69 5.06
N THR A 60 -5.18 -7.74 4.42
CA THR A 60 -4.48 -6.74 3.64
C THR A 60 -3.43 -6.07 4.50
N ALA A 61 -3.87 -5.50 5.62
CA ALA A 61 -2.99 -4.77 6.51
C ALA A 61 -1.82 -5.64 6.98
N ARG A 62 -2.07 -6.93 7.14
CA ARG A 62 -1.04 -7.87 7.56
C ARG A 62 0.04 -8.02 6.48
N ARG A 63 -0.37 -7.83 5.23
CA ARG A 63 0.51 -7.97 4.09
C ARG A 63 1.47 -6.78 4.00
N LEU A 64 0.91 -5.58 4.00
CA LEU A 64 1.70 -4.36 3.82
C LEU A 64 2.23 -3.84 5.15
N ASN A 65 2.11 -4.69 6.19
CA ASN A 65 2.69 -4.43 7.51
C ASN A 65 2.13 -3.12 8.09
N MET A 66 0.85 -2.90 7.85
CA MET A 66 0.21 -1.66 8.25
C MET A 66 -0.83 -1.90 9.34
N HIS A 67 -1.23 -0.80 9.94
CA HIS A 67 -2.25 -0.82 10.97
C HIS A 67 -3.63 -0.83 10.30
N ARG A 68 -4.63 -1.37 10.97
CA ARG A 68 -5.97 -1.52 10.37
C ARG A 68 -6.50 -0.19 9.87
N ARG A 69 -6.42 0.85 10.71
CA ARG A 69 -6.88 2.18 10.34
C ARG A 69 -6.06 2.75 9.18
N THR A 70 -4.78 2.38 9.10
CA THR A 70 -3.91 2.79 8.00
C THR A 70 -4.47 2.29 6.68
N LEU A 71 -4.79 1.01 6.63
CA LEU A 71 -5.36 0.40 5.44
C LEU A 71 -6.68 1.09 5.09
N GLN A 72 -7.51 1.29 6.10
CA GLN A 72 -8.86 1.83 5.92
C GLN A 72 -8.83 3.19 5.24
N ARG A 73 -8.00 4.09 5.74
CA ARG A 73 -7.91 5.44 5.19
C ARG A 73 -7.41 5.39 3.75
N ILE A 74 -6.32 4.68 3.55
CA ILE A 74 -5.72 4.52 2.24
C ILE A 74 -6.70 3.90 1.25
N LEU A 75 -7.30 2.80 1.67
CA LEU A 75 -8.24 2.04 0.85
C LEU A 75 -9.46 2.88 0.50
N ALA A 76 -9.91 3.68 1.45
CA ALA A 76 -11.13 4.48 1.30
C ALA A 76 -10.88 5.76 0.51
N LYS A 77 -9.61 6.14 0.42
CA LYS A 77 -9.23 7.43 -0.16
C LYS A 77 -9.27 7.41 -1.67
N ARG A 78 -9.27 6.22 -2.25
CA ARG A 78 -9.12 6.03 -3.70
C ARG A 78 -10.04 6.92 -4.53
N SER A 79 -9.48 8.04 -4.98
CA SER A 79 -10.15 8.97 -5.88
C SER A 79 -9.08 9.86 -6.52
N PRO A 80 -9.43 10.61 -7.58
CA PRO A 80 -8.51 11.57 -8.22
C PRO A 80 -8.29 12.81 -7.35
N ARG A 81 -8.29 12.59 -6.05
CA ARG A 81 -8.13 13.65 -5.06
C ARG A 81 -6.66 13.79 -4.68
N LEU A 22 13.64 -3.91 16.08
CA LEU A 22 12.18 -3.95 16.28
C LEU A 22 11.57 -2.56 16.11
N ALA A 23 12.25 -1.55 16.64
CA ALA A 23 11.73 -0.19 16.62
C ALA A 23 11.81 0.42 15.23
N LYS A 24 10.86 1.29 14.91
CA LYS A 24 10.88 2.02 13.65
C LYS A 24 12.01 3.03 13.63
N GLY A 25 12.46 3.44 14.81
CA GLY A 25 13.58 4.34 14.93
C GLY A 25 14.91 3.63 14.75
N GLU A 26 14.87 2.49 14.05
CA GLU A 26 16.06 1.73 13.72
C GLU A 26 16.94 2.54 12.78
N SER A 27 16.31 3.12 11.77
CA SER A 27 16.98 3.94 10.79
C SER A 27 16.00 4.90 10.15
N LEU A 28 14.76 4.41 9.94
CA LEU A 28 13.70 5.16 9.28
C LEU A 28 14.04 5.36 7.81
N PRO A 29 13.33 4.64 6.91
CA PRO A 29 13.55 4.64 5.46
C PRO A 29 14.16 5.93 4.92
N PRO A 30 15.47 5.89 4.60
CA PRO A 30 16.20 7.05 4.09
C PRO A 30 15.49 7.81 2.95
N PRO A 31 14.96 7.13 1.91
CA PRO A 31 14.20 7.81 0.86
C PRO A 31 12.78 8.11 1.29
N PRO A 32 12.41 9.39 1.39
CA PRO A 32 11.06 9.80 1.75
C PRO A 32 10.05 9.46 0.66
N GLU A 33 10.53 9.50 -0.58
CA GLU A 33 9.73 9.16 -1.74
C GLU A 33 10.63 8.97 -2.94
N ASN A 34 10.22 8.09 -3.85
CA ASN A 34 11.02 7.76 -5.02
C ASN A 34 10.16 7.85 -6.28
N PRO A 35 10.76 7.68 -7.48
CA PRO A 35 10.04 7.61 -8.75
C PRO A 35 8.74 6.80 -8.68
N MET A 36 8.77 5.66 -7.99
CA MET A 36 7.60 4.80 -7.88
C MET A 36 6.63 5.26 -6.80
N SER A 37 7.00 6.32 -6.08
CA SER A 37 6.21 6.83 -4.96
C SER A 37 6.16 5.82 -3.81
N ALA A 38 6.55 6.27 -2.62
CA ALA A 38 6.54 5.40 -1.45
C ALA A 38 5.11 4.95 -1.17
N ASP A 39 4.17 5.81 -1.54
CA ASP A 39 2.77 5.51 -1.36
C ASP A 39 2.31 4.48 -2.39
N ARG A 40 2.74 4.65 -3.63
CA ARG A 40 2.34 3.75 -4.70
C ARG A 40 2.95 2.36 -4.50
N VAL A 41 4.16 2.33 -3.94
CA VAL A 41 4.79 1.06 -3.56
C VAL A 41 3.91 0.33 -2.56
N ARG A 42 3.36 1.06 -1.60
CA ARG A 42 2.45 0.49 -0.63
C ARG A 42 1.16 0.06 -1.31
N TRP A 43 0.59 0.95 -2.11
CA TRP A 43 -0.67 0.70 -2.79
C TRP A 43 -0.60 -0.57 -3.64
N GLU A 44 0.52 -0.76 -4.31
CA GLU A 44 0.74 -1.97 -5.11
C GLU A 44 0.60 -3.21 -4.24
N HIS A 45 1.06 -3.12 -3.00
CA HIS A 45 1.05 -4.26 -2.10
C HIS A 45 -0.36 -4.44 -1.57
N ILE A 46 -1.04 -3.32 -1.34
CA ILE A 46 -2.41 -3.33 -0.84
C ILE A 46 -3.35 -4.02 -1.83
N GLN A 47 -3.09 -3.81 -3.11
CA GLN A 47 -3.95 -4.34 -4.15
C GLN A 47 -3.80 -5.85 -4.26
N ARG A 48 -2.54 -6.29 -4.33
CA ARG A 48 -2.25 -7.70 -4.51
C ARG A 48 -2.75 -8.53 -3.33
N ILE A 49 -2.83 -7.93 -2.15
CA ILE A 49 -3.37 -8.65 -1.00
C ILE A 49 -4.89 -8.52 -0.94
N TYR A 50 -5.42 -7.33 -1.21
CA TYR A 50 -6.86 -7.10 -1.16
C TYR A 50 -7.59 -8.03 -2.12
N GLU A 51 -6.93 -8.33 -3.23
CA GLU A 51 -7.47 -9.26 -4.21
C GLU A 51 -7.42 -10.71 -3.70
N MET A 52 -6.30 -11.10 -3.10
CA MET A 52 -6.09 -12.49 -2.70
C MET A 52 -6.89 -12.86 -1.45
N CYS A 53 -6.94 -11.98 -0.45
CA CYS A 53 -7.71 -12.24 0.76
C CYS A 53 -9.19 -11.93 0.54
N ASP A 54 -9.49 -11.42 -0.65
CA ASP A 54 -10.85 -11.07 -1.06
C ASP A 54 -11.46 -10.02 -0.15
N ARG A 55 -11.04 -8.77 -0.36
CA ARG A 55 -11.65 -7.61 0.29
C ARG A 55 -11.46 -7.62 1.81
N ASN A 56 -10.54 -8.45 2.29
CA ASN A 56 -10.27 -8.53 3.72
C ASN A 56 -9.27 -7.46 4.12
N VAL A 57 -9.79 -6.35 4.64
CA VAL A 57 -8.95 -5.22 5.03
C VAL A 57 -7.97 -5.60 6.15
N SER A 58 -8.37 -6.56 6.97
CA SER A 58 -7.56 -6.96 8.11
C SER A 58 -6.25 -7.62 7.66
N GLU A 59 -6.34 -8.58 6.73
CA GLU A 59 -5.13 -9.24 6.25
C GLU A 59 -4.34 -8.33 5.34
N THR A 60 -5.04 -7.54 4.55
CA THR A 60 -4.39 -6.57 3.70
C THR A 60 -3.45 -5.71 4.53
N ALA A 61 -3.93 -5.33 5.71
CA ALA A 61 -3.16 -4.55 6.65
C ALA A 61 -1.90 -5.31 7.12
N ARG A 62 -2.09 -6.53 7.58
CA ARG A 62 -1.00 -7.35 8.12
C ARG A 62 0.06 -7.57 7.05
N ARG A 63 -0.40 -7.84 5.85
CA ARG A 63 0.48 -8.11 4.72
C ARG A 63 1.16 -6.82 4.25
N LEU A 64 0.58 -5.70 4.65
CA LEU A 64 1.13 -4.38 4.32
C LEU A 64 2.05 -3.88 5.44
N ASN A 65 2.17 -4.66 6.50
CA ASN A 65 2.94 -4.28 7.68
C ASN A 65 2.31 -3.05 8.33
N MET A 66 1.02 -2.91 8.10
CA MET A 66 0.28 -1.72 8.50
C MET A 66 -0.83 -2.04 9.46
N HIS A 67 -1.23 -1.03 10.20
CA HIS A 67 -2.35 -1.12 11.10
C HIS A 67 -3.65 -1.12 10.28
N ARG A 68 -4.70 -1.71 10.83
CA ARG A 68 -5.97 -1.85 10.11
C ARG A 68 -6.48 -0.50 9.61
N ARG A 69 -6.37 0.52 10.46
CA ARG A 69 -6.85 1.85 10.12
C ARG A 69 -6.02 2.47 9.00
N THR A 70 -4.72 2.17 9.00
CA THR A 70 -3.82 2.64 7.95
C THR A 70 -4.29 2.15 6.59
N LEU A 71 -4.56 0.86 6.51
CA LEU A 71 -5.05 0.22 5.30
C LEU A 71 -6.40 0.83 4.90
N GLN A 72 -7.25 1.00 5.90
CA GLN A 72 -8.62 1.50 5.70
C GLN A 72 -8.61 2.93 5.18
N ARG A 73 -7.81 3.78 5.78
CA ARG A 73 -7.71 5.17 5.34
C ARG A 73 -7.21 5.24 3.90
N ILE A 74 -6.32 4.33 3.56
CA ILE A 74 -5.79 4.25 2.21
C ILE A 74 -6.86 3.79 1.22
N LEU A 75 -7.58 2.73 1.58
CA LEU A 75 -8.71 2.26 0.76
C LEU A 75 -9.73 3.37 0.60
N ALA A 76 -9.99 4.04 1.71
CA ALA A 76 -11.03 5.05 1.79
C ALA A 76 -10.61 6.35 1.11
N LYS A 77 -9.37 6.39 0.65
CA LYS A 77 -8.87 7.55 -0.08
C LYS A 77 -9.36 7.50 -1.53
N ARG A 78 -9.66 6.31 -2.01
CA ARG A 78 -10.16 6.15 -3.37
C ARG A 78 -11.65 6.45 -3.44
N SER A 79 -11.96 7.73 -3.38
CA SER A 79 -13.32 8.22 -3.37
C SER A 79 -13.32 9.70 -3.80
N PRO A 80 -14.49 10.34 -3.94
CA PRO A 80 -14.59 11.78 -4.27
C PRO A 80 -14.15 12.68 -3.10
N ARG A 81 -13.09 12.29 -2.45
CA ARG A 81 -12.55 13.03 -1.32
C ARG A 81 -11.53 14.06 -1.80
N LEU A 22 7.63 -17.87 5.91
CA LEU A 22 8.46 -18.90 6.59
C LEU A 22 9.94 -18.64 6.33
N ALA A 23 10.28 -18.41 5.07
CA ALA A 23 11.66 -18.17 4.68
C ALA A 23 12.19 -16.88 5.28
N LYS A 24 13.10 -17.02 6.23
CA LYS A 24 13.71 -15.88 6.87
C LYS A 24 15.16 -15.73 6.43
N GLY A 25 15.40 -14.74 5.58
CA GLY A 25 16.71 -14.52 5.02
C GLY A 25 16.64 -14.20 3.54
N GLU A 26 16.39 -15.21 2.72
CA GLU A 26 16.20 -15.02 1.29
C GLU A 26 14.96 -14.17 1.03
N SER A 27 13.96 -14.33 1.89
CA SER A 27 12.79 -13.49 1.86
C SER A 27 12.84 -12.52 3.04
N LEU A 28 13.43 -11.36 2.80
CA LEU A 28 13.62 -10.37 3.85
C LEU A 28 12.57 -9.28 3.72
N PRO A 29 11.85 -9.00 4.83
CA PRO A 29 10.84 -7.94 4.92
C PRO A 29 11.14 -6.73 4.05
N PRO A 30 10.33 -6.51 3.00
CA PRO A 30 10.50 -5.39 2.09
C PRO A 30 10.06 -4.07 2.72
N PRO A 31 10.94 -3.05 2.71
CA PRO A 31 10.63 -1.73 3.26
C PRO A 31 9.43 -1.10 2.55
N PRO A 32 8.50 -0.52 3.32
CA PRO A 32 7.30 0.13 2.77
C PRO A 32 7.67 1.25 1.80
N GLU A 33 8.59 2.11 2.21
CA GLU A 33 9.05 3.18 1.36
C GLU A 33 10.27 2.74 0.55
N ASN A 34 10.01 2.06 -0.56
CA ASN A 34 11.08 1.60 -1.43
C ASN A 34 11.64 2.78 -2.21
N PRO A 35 12.98 2.88 -2.35
CA PRO A 35 13.66 3.91 -3.15
C PRO A 35 12.94 4.23 -4.47
N MET A 36 12.38 3.22 -5.11
CA MET A 36 11.64 3.39 -6.35
C MET A 36 10.38 4.23 -6.11
N SER A 37 9.58 3.83 -5.15
CA SER A 37 8.34 4.50 -4.81
C SER A 37 7.97 4.21 -3.36
N ALA A 38 7.54 5.22 -2.63
CA ALA A 38 7.20 5.01 -1.23
C ALA A 38 5.74 4.61 -1.09
N ASP A 39 4.85 5.47 -1.55
CA ASP A 39 3.43 5.22 -1.44
C ASP A 39 2.94 4.37 -2.59
N ARG A 40 3.59 4.52 -3.73
CA ARG A 40 3.22 3.75 -4.90
C ARG A 40 3.40 2.26 -4.64
N VAL A 41 4.55 1.91 -4.06
CA VAL A 41 4.85 0.52 -3.75
C VAL A 41 3.91 0.00 -2.67
N ARG A 42 3.56 0.85 -1.70
CA ARG A 42 2.64 0.46 -0.65
C ARG A 42 1.27 0.16 -1.22
N TRP A 43 0.74 1.06 -2.05
CA TRP A 43 -0.57 0.89 -2.66
C TRP A 43 -0.59 -0.36 -3.53
N GLU A 44 0.49 -0.55 -4.28
CA GLU A 44 0.63 -1.74 -5.12
C GLU A 44 0.53 -3.01 -4.26
N HIS A 45 1.05 -2.93 -3.05
CA HIS A 45 1.04 -4.06 -2.13
C HIS A 45 -0.36 -4.25 -1.57
N ILE A 46 -1.04 -3.14 -1.31
CA ILE A 46 -2.40 -3.18 -0.77
C ILE A 46 -3.34 -3.86 -1.76
N GLN A 47 -3.10 -3.61 -3.04
CA GLN A 47 -3.97 -4.14 -4.10
C GLN A 47 -3.78 -5.64 -4.25
N ARG A 48 -2.52 -6.07 -4.34
CA ARG A 48 -2.21 -7.48 -4.54
C ARG A 48 -2.72 -8.34 -3.39
N ILE A 49 -2.79 -7.78 -2.19
CA ILE A 49 -3.29 -8.52 -1.05
C ILE A 49 -4.82 -8.42 -0.95
N TYR A 50 -5.36 -7.23 -1.16
CA TYR A 50 -6.80 -6.99 -1.00
C TYR A 50 -7.58 -7.92 -1.92
N GLU A 51 -7.07 -8.12 -3.13
CA GLU A 51 -7.72 -8.97 -4.11
C GLU A 51 -7.58 -10.46 -3.75
N MET A 52 -6.42 -10.86 -3.25
CA MET A 52 -6.16 -12.28 -2.99
C MET A 52 -6.87 -12.77 -1.72
N CYS A 53 -7.03 -11.88 -0.74
CA CYS A 53 -7.70 -12.25 0.50
C CYS A 53 -9.19 -11.92 0.43
N ASP A 54 -9.64 -11.57 -0.78
CA ASP A 54 -11.06 -11.29 -1.04
C ASP A 54 -11.56 -10.15 -0.17
N ARG A 55 -11.02 -8.95 -0.40
CA ARG A 55 -11.49 -7.72 0.24
C ARG A 55 -11.42 -7.79 1.77
N ASN A 56 -10.55 -8.64 2.27
CA ASN A 56 -10.36 -8.77 3.71
C ASN A 56 -9.25 -7.85 4.19
N VAL A 57 -9.63 -6.83 4.95
CA VAL A 57 -8.72 -5.78 5.35
C VAL A 57 -7.71 -6.27 6.39
N SER A 58 -8.09 -7.27 7.18
CA SER A 58 -7.22 -7.76 8.24
C SER A 58 -5.92 -8.33 7.67
N GLU A 59 -6.03 -9.23 6.69
CA GLU A 59 -4.84 -9.79 6.05
C GLU A 59 -4.14 -8.73 5.24
N THR A 60 -4.90 -7.87 4.58
CA THR A 60 -4.33 -6.79 3.80
C THR A 60 -3.40 -5.95 4.67
N ALA A 61 -3.91 -5.51 5.81
CA ALA A 61 -3.13 -4.71 6.74
C ALA A 61 -1.94 -5.49 7.27
N ARG A 62 -2.17 -6.75 7.64
CA ARG A 62 -1.12 -7.58 8.21
C ARG A 62 -0.01 -7.83 7.19
N ARG A 63 -0.42 -8.07 5.96
CA ARG A 63 0.50 -8.35 4.87
C ARG A 63 1.13 -7.07 4.35
N LEU A 64 0.53 -5.95 4.75
CA LEU A 64 1.11 -4.62 4.50
C LEU A 64 2.03 -4.24 5.65
N ASN A 65 2.02 -5.09 6.69
CA ASN A 65 2.80 -4.86 7.91
C ASN A 65 2.37 -3.55 8.54
N MET A 66 1.08 -3.29 8.44
CA MET A 66 0.53 -1.97 8.69
C MET A 66 -0.80 -2.06 9.44
N HIS A 67 -1.16 -0.98 10.11
CA HIS A 67 -2.37 -0.90 10.92
C HIS A 67 -3.59 -0.61 10.05
N ARG A 68 -4.76 -1.10 10.46
CA ARG A 68 -5.99 -0.94 9.68
C ARG A 68 -6.39 0.53 9.55
N ARG A 69 -5.95 1.35 10.51
CA ARG A 69 -6.22 2.78 10.45
C ARG A 69 -5.60 3.39 9.20
N THR A 70 -4.51 2.78 8.76
CA THR A 70 -3.85 3.16 7.55
C THR A 70 -4.51 2.52 6.33
N LEU A 71 -4.66 1.20 6.38
CA LEU A 71 -5.25 0.42 5.28
C LEU A 71 -6.63 0.97 4.91
N GLN A 72 -7.50 1.11 5.91
CA GLN A 72 -8.87 1.57 5.70
C GLN A 72 -8.90 2.98 5.12
N ARG A 73 -8.11 3.88 5.69
CA ARG A 73 -8.10 5.27 5.23
C ARG A 73 -7.57 5.37 3.80
N ILE A 74 -6.66 4.47 3.45
CA ILE A 74 -6.13 4.39 2.10
C ILE A 74 -7.21 3.93 1.11
N LEU A 75 -7.95 2.88 1.49
CA LEU A 75 -9.06 2.39 0.69
C LEU A 75 -10.17 3.43 0.63
N ALA A 76 -10.49 3.97 1.80
CA ALA A 76 -11.61 4.90 1.98
C ALA A 76 -11.34 6.24 1.31
N LYS A 77 -10.11 6.45 0.87
CA LYS A 77 -9.75 7.68 0.19
C LYS A 77 -10.38 7.70 -1.20
N ARG A 78 -10.63 6.52 -1.75
CA ARG A 78 -11.31 6.40 -3.04
C ARG A 78 -12.82 6.60 -2.86
N SER A 79 -13.15 7.64 -2.13
CA SER A 79 -14.53 8.00 -1.84
C SER A 79 -14.56 9.50 -1.57
N PRO A 80 -15.73 10.10 -1.28
CA PRO A 80 -15.80 11.52 -0.90
C PRO A 80 -15.01 11.80 0.38
N ARG A 81 -14.87 10.75 1.18
CA ARG A 81 -14.15 10.80 2.46
C ARG A 81 -14.72 11.91 3.34
N LEU A 22 7.64 1.09 -25.55
CA LEU A 22 7.75 -0.36 -25.29
C LEU A 22 8.22 -0.59 -23.85
N ALA A 23 8.65 -1.81 -23.55
CA ALA A 23 9.09 -2.16 -22.21
C ALA A 23 10.52 -1.69 -21.94
N LYS A 24 11.19 -2.37 -21.00
CA LYS A 24 12.53 -2.00 -20.54
C LYS A 24 13.51 -1.88 -21.71
N GLY A 25 13.41 -2.79 -22.67
CA GLY A 25 14.31 -2.79 -23.81
C GLY A 25 14.23 -1.51 -24.63
N GLU A 26 13.14 -0.78 -24.49
CA GLU A 26 12.98 0.49 -25.17
C GLU A 26 13.55 1.61 -24.31
N SER A 27 12.87 1.86 -23.19
CA SER A 27 13.24 2.94 -22.28
C SER A 27 12.25 2.97 -21.13
N LEU A 28 12.60 3.66 -20.05
CA LEU A 28 11.70 3.80 -18.90
C LEU A 28 10.52 4.69 -19.27
N PRO A 29 9.28 4.25 -18.92
CA PRO A 29 8.04 4.97 -19.16
C PRO A 29 8.19 6.50 -19.18
N PRO A 30 8.00 7.12 -20.36
CA PRO A 30 8.07 8.57 -20.54
C PRO A 30 7.16 9.41 -19.59
N PRO A 31 5.92 8.96 -19.24
CA PRO A 31 5.05 9.70 -18.30
C PRO A 31 5.79 10.25 -17.07
N PRO A 32 5.36 11.42 -16.58
CA PRO A 32 6.00 12.11 -15.44
C PRO A 32 5.98 11.28 -14.15
N GLU A 33 6.85 11.68 -13.22
CA GLU A 33 7.06 10.95 -11.97
C GLU A 33 7.71 9.60 -12.25
N ASN A 34 7.73 8.72 -11.26
CA ASN A 34 8.25 7.38 -11.45
C ASN A 34 7.14 6.38 -11.17
N PRO A 35 6.88 5.47 -12.13
CA PRO A 35 5.85 4.42 -12.02
C PRO A 35 5.71 3.83 -10.62
N MET A 36 6.83 3.63 -9.94
CA MET A 36 6.80 3.14 -8.58
C MET A 36 7.08 4.27 -7.59
N SER A 37 6.04 4.98 -7.22
CA SER A 37 6.12 5.98 -6.16
C SER A 37 6.15 5.26 -4.82
N ALA A 38 6.52 5.96 -3.75
CA ALA A 38 6.55 5.34 -2.44
C ALA A 38 5.13 4.98 -2.04
N ASP A 39 4.20 5.85 -2.41
CA ASP A 39 2.80 5.59 -2.20
C ASP A 39 2.32 4.48 -3.11
N ARG A 40 2.84 4.49 -4.35
CA ARG A 40 2.45 3.49 -5.33
C ARG A 40 2.89 2.10 -4.89
N VAL A 41 4.14 1.99 -4.42
CA VAL A 41 4.66 0.71 -3.94
C VAL A 41 3.78 0.15 -2.83
N ARG A 42 3.36 1.03 -1.93
CA ARG A 42 2.47 0.63 -0.85
C ARG A 42 1.13 0.16 -1.41
N TRP A 43 0.55 0.98 -2.29
CA TRP A 43 -0.74 0.67 -2.89
C TRP A 43 -0.66 -0.62 -3.70
N GLU A 44 0.47 -0.83 -4.36
CA GLU A 44 0.70 -2.01 -5.17
C GLU A 44 0.60 -3.26 -4.31
N HIS A 45 1.04 -3.15 -3.06
CA HIS A 45 1.04 -4.27 -2.16
C HIS A 45 -0.37 -4.46 -1.59
N ILE A 46 -1.09 -3.36 -1.45
CA ILE A 46 -2.44 -3.37 -0.93
C ILE A 46 -3.39 -4.04 -1.91
N GLN A 47 -3.14 -3.82 -3.20
CA GLN A 47 -4.00 -4.36 -4.23
C GLN A 47 -3.81 -5.86 -4.34
N ARG A 48 -2.55 -6.27 -4.43
CA ARG A 48 -2.21 -7.68 -4.57
C ARG A 48 -2.74 -8.51 -3.40
N ILE A 49 -2.82 -7.90 -2.21
CA ILE A 49 -3.39 -8.61 -1.06
C ILE A 49 -4.92 -8.46 -1.02
N TYR A 50 -5.42 -7.29 -1.43
CA TYR A 50 -6.85 -7.05 -1.47
C TYR A 50 -7.51 -8.05 -2.40
N GLU A 51 -6.81 -8.38 -3.48
CA GLU A 51 -7.25 -9.40 -4.43
C GLU A 51 -7.09 -10.80 -3.84
N MET A 52 -6.05 -11.00 -3.04
CA MET A 52 -5.74 -12.31 -2.46
C MET A 52 -6.88 -12.86 -1.63
N CYS A 53 -7.23 -12.15 -0.57
CA CYS A 53 -8.16 -12.67 0.42
C CYS A 53 -9.55 -12.04 0.25
N ASP A 54 -9.79 -11.53 -0.95
CA ASP A 54 -11.10 -10.98 -1.31
C ASP A 54 -11.54 -9.87 -0.36
N ARG A 55 -10.89 -8.72 -0.49
CA ARG A 55 -11.24 -7.52 0.27
C ARG A 55 -11.09 -7.70 1.78
N ASN A 56 -10.29 -8.67 2.20
CA ASN A 56 -10.01 -8.87 3.61
C ASN A 56 -9.02 -7.82 4.09
N VAL A 57 -9.56 -6.74 4.65
CA VAL A 57 -8.76 -5.61 5.11
C VAL A 57 -7.79 -6.03 6.22
N SER A 58 -8.23 -6.99 7.04
CA SER A 58 -7.42 -7.48 8.15
C SER A 58 -6.09 -8.05 7.64
N GLU A 59 -6.16 -8.96 6.67
CA GLU A 59 -4.97 -9.54 6.10
C GLU A 59 -4.18 -8.49 5.35
N THR A 60 -4.90 -7.61 4.67
CA THR A 60 -4.27 -6.57 3.88
C THR A 60 -3.36 -5.71 4.74
N ALA A 61 -3.91 -5.14 5.81
CA ALA A 61 -3.13 -4.31 6.74
C ALA A 61 -1.94 -5.10 7.29
N ARG A 62 -2.17 -6.36 7.64
CA ARG A 62 -1.12 -7.18 8.23
C ARG A 62 -0.02 -7.45 7.22
N ARG A 63 -0.43 -7.78 6.01
CA ARG A 63 0.49 -8.13 4.94
C ARG A 63 1.16 -6.86 4.40
N LEU A 64 0.51 -5.73 4.66
CA LEU A 64 1.03 -4.41 4.32
C LEU A 64 1.93 -3.89 5.42
N ASN A 65 1.90 -4.58 6.55
CA ASN A 65 2.69 -4.21 7.74
C ASN A 65 2.16 -2.92 8.34
N MET A 66 0.86 -2.71 8.21
CA MET A 66 0.23 -1.54 8.77
C MET A 66 -0.96 -1.89 9.65
N HIS A 67 -1.42 -0.88 10.36
CA HIS A 67 -2.50 -1.01 11.31
C HIS A 67 -3.84 -0.98 10.56
N ARG A 68 -4.91 -1.44 11.21
CA ARG A 68 -6.24 -1.49 10.60
C ARG A 68 -6.64 -0.14 10.03
N ARG A 69 -6.54 0.89 10.85
CA ARG A 69 -6.96 2.23 10.45
C ARG A 69 -6.12 2.75 9.30
N THR A 70 -4.87 2.28 9.23
CA THR A 70 -3.99 2.64 8.13
C THR A 70 -4.55 2.13 6.81
N LEU A 71 -4.77 0.83 6.72
CA LEU A 71 -5.29 0.21 5.50
C LEU A 71 -6.62 0.86 5.11
N GLN A 72 -7.51 1.03 6.09
CA GLN A 72 -8.81 1.67 5.86
C GLN A 72 -8.63 3.06 5.27
N ARG A 73 -7.74 3.85 5.84
CA ARG A 73 -7.56 5.23 5.38
C ARG A 73 -6.93 5.30 4.00
N ILE A 74 -6.10 4.31 3.66
CA ILE A 74 -5.56 4.24 2.31
C ILE A 74 -6.64 3.85 1.32
N LEU A 75 -7.47 2.86 1.68
CA LEU A 75 -8.61 2.47 0.85
C LEU A 75 -9.56 3.65 0.70
N ALA A 76 -9.83 4.30 1.84
CA ALA A 76 -10.78 5.40 1.92
C ALA A 76 -10.21 6.68 1.33
N LYS A 77 -8.90 6.67 1.06
CA LYS A 77 -8.23 7.82 0.47
C LYS A 77 -8.68 8.00 -0.98
N ARG A 78 -9.25 6.94 -1.55
CA ARG A 78 -9.65 6.93 -2.95
C ARG A 78 -10.96 7.69 -3.18
N SER A 79 -11.11 8.81 -2.50
CA SER A 79 -12.28 9.67 -2.67
C SER A 79 -11.92 11.14 -2.45
N PRO A 80 -11.29 11.49 -1.31
CA PRO A 80 -10.88 12.87 -1.01
C PRO A 80 -9.66 13.29 -1.83
N ARG A 81 -8.93 12.32 -2.35
CA ARG A 81 -7.74 12.61 -3.14
C ARG A 81 -7.54 11.55 -4.23
#